data_7Q4I
#
_entry.id   7Q4I
#
_cell.length_a   50.241
_cell.length_b   80.445
_cell.length_c   71.949
_cell.angle_alpha   90.00
_cell.angle_beta   93.19
_cell.angle_gamma   90.00
#
_symmetry.space_group_name_H-M   'P 1 21 1'
#
loop_
_entity.id
_entity.type
_entity.pdbx_description
1 polymer 'Glycoprotein-N-acetylgalactosamine 3-beta-galactosyltransferase 1'
2 polymer Mucin-1
3 non-polymer "URIDINE-5'-DIPHOSPHATE"
4 non-polymer 1,2-ETHANEDIOL
5 non-polymer 'MANGANESE (II) ION'
6 non-polymer 2-acetamido-2-deoxy-alpha-D-galactopyranose
7 water water
#
loop_
_entity_poly.entity_id
_entity_poly.type
_entity_poly.pdbx_seq_one_letter_code
_entity_poly.pdbx_strand_id
1 'polypeptide(L)'
;SGPEQDVGGHEHVHENSTIAERLYSEVRVLCWIMTNPSNHQKKARHVKRTWGKRCNKLIFMSSAKDDELDAVALPVGEGR
NNLWGKTKEAYKYIYEHHINDADWFLKADDDTYTIVENMRYMLYPYSPETPVYFGCKFKPYVKQGYMSGGAGYVLSREAV
RRFVVEALPNPKLCKSDNSGAEDVEIGKCLQNVNVLAGDSRDSNGRGRFFPFVPEHHLIPSHTDKKFWYWQYIFYKTDEG
LDCCSDNAISFHYVSPNQMYVLDYLIYHLRPYGIINTPDALPNKLAVGELMPEIKEQATESTSDGVSKRSAETKTQ
;
A,B
2 'polypeptide(L)' APDTR(LPD) G,F
#
loop_
_chem_comp.id
_chem_comp.type
_chem_comp.name
_chem_comp.formula
A2G D-saccharide, alpha linking 2-acetamido-2-deoxy-alpha-D-galactopyranose 'C8 H15 N O6'
EDO non-polymer 1,2-ETHANEDIOL 'C2 H6 O2'
MN non-polymer 'MANGANESE (II) ION' 'Mn 2'
UDP RNA linking URIDINE-5'-DIPHOSPHATE 'C9 H14 N2 O12 P2'
#
# COMPACT_ATOMS: atom_id res chain seq x y z
N GLU A 15 14.49 -7.52 5.44
CA GLU A 15 15.90 -7.32 5.89
C GLU A 15 16.35 -8.50 6.77
N ASN A 16 15.74 -8.71 7.95
CA ASN A 16 15.86 -9.99 8.68
C ASN A 16 14.62 -10.81 8.29
N SER A 17 14.80 -11.83 7.46
CA SER A 17 13.73 -12.69 6.93
C SER A 17 13.91 -14.15 7.41
N THR A 18 14.67 -14.35 8.49
CA THR A 18 14.98 -15.69 9.05
C THR A 18 13.69 -16.45 9.32
N ILE A 19 12.75 -15.80 10.00
CA ILE A 19 11.51 -16.48 10.45
C ILE A 19 10.72 -16.87 9.20
N ALA A 20 10.62 -15.98 8.21
CA ALA A 20 9.84 -16.24 6.98
C ALA A 20 10.53 -17.30 6.12
N GLU A 21 11.85 -17.42 6.18
CA GLU A 21 12.61 -18.45 5.41
C GLU A 21 12.38 -19.82 6.04
N ARG A 22 12.28 -19.85 7.36
CA ARG A 22 12.01 -21.07 8.15
C ARG A 22 10.60 -21.57 7.82
N LEU A 23 9.59 -20.70 7.86
CA LEU A 23 8.20 -21.06 7.48
C LEU A 23 8.13 -21.47 6.00
N TYR A 24 8.95 -20.89 5.13
CA TYR A 24 8.96 -21.24 3.70
C TYR A 24 9.12 -22.76 3.54
N SER A 25 10.04 -23.33 4.32
CA SER A 25 10.46 -24.76 4.19
C SER A 25 9.52 -25.64 5.02
N GLU A 26 8.92 -25.11 6.08
CA GLU A 26 8.10 -25.91 7.03
C GLU A 26 6.64 -25.95 6.59
N VAL A 27 6.15 -24.93 5.88
CA VAL A 27 4.74 -24.82 5.40
C VAL A 27 4.79 -24.60 3.88
N ARG A 28 4.90 -25.69 3.12
CA ARG A 28 5.03 -25.58 1.65
C ARG A 28 3.64 -25.30 1.08
N VAL A 29 3.54 -24.22 0.30
CA VAL A 29 2.29 -23.77 -0.33
C VAL A 29 2.48 -23.84 -1.85
N LEU A 30 1.59 -24.57 -2.50
CA LEU A 30 1.50 -24.61 -3.97
C LEU A 30 0.37 -23.68 -4.34
N CYS A 31 0.65 -22.77 -5.23
CA CYS A 31 -0.33 -21.80 -5.73
C CYS A 31 -0.66 -22.15 -7.18
N TRP A 32 -1.93 -22.36 -7.44
CA TRP A 32 -2.40 -22.41 -8.83
C TRP A 32 -3.34 -21.26 -9.13
N ILE A 33 -3.18 -20.72 -10.34
CA ILE A 33 -3.84 -19.49 -10.84
C ILE A 33 -4.73 -19.92 -12.00
N MET A 34 -6.04 -19.70 -11.87
CA MET A 34 -6.99 -19.86 -13.00
C MET A 34 -6.81 -18.69 -13.97
N THR A 35 -6.50 -18.99 -15.23
CA THR A 35 -6.38 -17.95 -16.27
C THR A 35 -6.82 -18.56 -17.62
N ASN A 36 -6.74 -17.77 -18.67
CA ASN A 36 -7.16 -18.13 -20.04
C ASN A 36 -6.20 -17.40 -20.97
N PRO A 37 -6.06 -17.85 -22.24
CA PRO A 37 -5.09 -17.26 -23.16
C PRO A 37 -5.19 -15.73 -23.31
N SER A 38 -6.38 -15.16 -23.40
CA SER A 38 -6.63 -13.68 -23.44
C SER A 38 -5.94 -12.96 -22.27
N ASN A 39 -5.78 -13.60 -21.11
CA ASN A 39 -5.22 -12.97 -19.88
C ASN A 39 -3.74 -13.30 -19.68
N HIS A 40 -3.14 -14.15 -20.52
CA HIS A 40 -1.77 -14.67 -20.25
C HIS A 40 -0.80 -13.51 -20.04
N GLN A 41 -0.77 -12.55 -20.97
CA GLN A 41 0.15 -11.39 -20.96
C GLN A 41 -0.46 -10.25 -20.14
N LYS A 42 -1.77 -9.98 -20.26
CA LYS A 42 -2.41 -8.84 -19.54
C LYS A 42 -2.40 -9.03 -18.01
N LYS A 43 -2.58 -10.25 -17.49
CA LYS A 43 -2.84 -10.44 -16.03
C LYS A 43 -1.87 -11.44 -15.42
N ALA A 44 -1.85 -12.67 -15.94
CA ALA A 44 -1.15 -13.83 -15.36
C ALA A 44 0.33 -13.51 -15.18
N ARG A 45 0.96 -12.94 -16.20
CA ARG A 45 2.36 -12.49 -16.16
C ARG A 45 2.63 -11.71 -14.87
N HIS A 46 1.73 -10.82 -14.48
CA HIS A 46 1.98 -9.84 -13.40
C HIS A 46 1.78 -10.54 -12.06
N VAL A 47 0.99 -11.60 -12.02
CA VAL A 47 0.91 -12.46 -10.83
C VAL A 47 2.26 -13.14 -10.65
N LYS A 48 2.82 -13.71 -11.72
CA LYS A 48 4.12 -14.40 -11.66
C LYS A 48 5.22 -13.44 -11.17
N ARG A 49 5.26 -12.21 -11.68
CA ARG A 49 6.34 -11.23 -11.40
C ARG A 49 6.23 -10.63 -10.00
N THR A 50 5.06 -10.68 -9.37
CA THR A 50 4.82 -10.14 -8.01
C THR A 50 4.70 -11.29 -7.00
N TRP A 51 3.51 -11.63 -6.57
CA TRP A 51 3.36 -12.54 -5.39
C TRP A 51 3.59 -14.02 -5.74
N GLY A 52 3.42 -14.41 -7.00
CA GLY A 52 3.46 -15.80 -7.42
C GLY A 52 4.77 -16.46 -7.09
N LYS A 53 5.88 -15.75 -7.29
CA LYS A 53 7.24 -16.31 -7.14
C LYS A 53 7.56 -16.54 -5.67
N ARG A 54 6.75 -16.07 -4.74
CA ARG A 54 6.97 -16.30 -3.29
C ARG A 54 6.35 -17.63 -2.84
N CYS A 55 5.47 -18.25 -3.64
CA CYS A 55 4.94 -19.62 -3.39
C CYS A 55 6.06 -20.65 -3.51
N ASN A 56 5.95 -21.78 -2.82
CA ASN A 56 6.87 -22.94 -2.96
C ASN A 56 6.79 -23.49 -4.39
N LYS A 57 5.61 -23.41 -5.01
CA LYS A 57 5.36 -23.94 -6.37
C LYS A 57 4.23 -23.10 -6.99
N LEU A 58 4.45 -22.61 -8.20
CA LEU A 58 3.47 -21.75 -8.93
C LEU A 58 3.08 -22.45 -10.22
N ILE A 59 1.77 -22.60 -10.46
CA ILE A 59 1.22 -23.23 -11.69
C ILE A 59 0.06 -22.40 -12.21
N PHE A 60 0.13 -22.07 -13.50
CA PHE A 60 -0.94 -21.41 -14.27
C PHE A 60 -1.79 -22.49 -14.92
N MET A 61 -3.08 -22.48 -14.63
CA MET A 61 -4.07 -23.46 -15.12
C MET A 61 -4.92 -22.79 -16.19
N SER A 62 -4.68 -23.16 -17.44
CA SER A 62 -5.29 -22.52 -18.62
C SER A 62 -5.97 -23.57 -19.49
N SER A 63 -6.45 -23.17 -20.66
CA SER A 63 -6.97 -24.05 -21.74
C SER A 63 -5.95 -24.16 -22.88
N ALA A 64 -4.78 -23.51 -22.76
CA ALA A 64 -3.73 -23.51 -23.81
C ALA A 64 -2.38 -23.29 -23.14
N LYS A 65 -1.30 -23.81 -23.75
CA LYS A 65 0.09 -23.76 -23.23
C LYS A 65 0.67 -22.36 -23.43
N ASP A 66 1.79 -22.05 -22.76
CA ASP A 66 2.48 -20.73 -22.81
C ASP A 66 3.89 -20.88 -22.22
N ASP A 67 4.93 -20.66 -23.05
CA ASP A 67 6.37 -20.78 -22.69
C ASP A 67 6.69 -19.95 -21.43
N GLU A 68 6.33 -18.65 -21.44
CA GLU A 68 6.64 -17.65 -20.38
C GLU A 68 6.13 -18.13 -19.01
N LEU A 69 4.85 -18.52 -18.91
CA LEU A 69 4.15 -18.94 -17.66
C LEU A 69 4.44 -20.43 -17.35
N ASP A 70 4.74 -21.22 -18.39
CA ASP A 70 4.78 -22.70 -18.32
C ASP A 70 3.36 -23.17 -17.94
N ALA A 71 2.35 -22.62 -18.60
CA ALA A 71 0.91 -22.85 -18.35
C ALA A 71 0.56 -24.32 -18.62
N VAL A 72 -0.25 -24.94 -17.77
CA VAL A 72 -0.87 -26.26 -18.00
C VAL A 72 -2.15 -26.10 -18.83
N ALA A 73 -2.28 -26.83 -19.93
CA ALA A 73 -3.48 -26.78 -20.81
C ALA A 73 -4.45 -27.86 -20.32
N LEU A 74 -5.51 -27.45 -19.60
CA LEU A 74 -6.55 -28.38 -19.10
C LEU A 74 -7.45 -28.78 -20.28
N PRO A 75 -7.94 -30.04 -20.30
CA PRO A 75 -8.83 -30.49 -21.37
C PRO A 75 -10.23 -29.92 -21.14
N VAL A 76 -10.35 -28.60 -21.17
CA VAL A 76 -11.59 -27.89 -20.79
C VAL A 76 -11.71 -26.67 -21.70
N GLY A 77 -12.88 -26.45 -22.28
CA GLY A 77 -13.18 -25.26 -23.09
C GLY A 77 -13.13 -23.98 -22.27
N GLU A 78 -13.23 -22.84 -22.95
CA GLU A 78 -13.16 -21.50 -22.33
C GLU A 78 -14.59 -21.05 -21.98
N GLY A 79 -14.73 -19.90 -21.35
CA GLY A 79 -16.06 -19.39 -20.95
C GLY A 79 -16.32 -19.60 -19.47
N ARG A 80 -17.12 -18.72 -18.88
CA ARG A 80 -17.45 -18.70 -17.43
CA ARG A 80 -17.41 -18.70 -17.43
C ARG A 80 -18.23 -19.95 -17.06
N ASN A 81 -18.80 -20.64 -18.04
CA ASN A 81 -19.60 -21.87 -17.79
C ASN A 81 -18.71 -23.12 -17.80
N ASN A 82 -17.39 -22.97 -17.89
CA ASN A 82 -16.45 -24.10 -17.75
C ASN A 82 -15.48 -23.90 -16.59
N LEU A 83 -15.68 -22.92 -15.72
CA LEU A 83 -14.70 -22.63 -14.64
C LEU A 83 -14.72 -23.77 -13.62
N TRP A 84 -15.89 -24.33 -13.37
CA TRP A 84 -16.02 -25.51 -12.47
C TRP A 84 -15.25 -26.69 -13.07
N GLY A 85 -15.31 -26.90 -14.38
CA GLY A 85 -14.50 -27.92 -15.08
C GLY A 85 -13.00 -27.68 -14.95
N LYS A 86 -12.55 -26.43 -14.99
CA LYS A 86 -11.11 -26.12 -14.82
C LYS A 86 -10.68 -26.40 -13.37
N THR A 87 -11.51 -26.05 -12.38
CA THR A 87 -11.17 -26.28 -10.96
C THR A 87 -10.96 -27.79 -10.72
N LYS A 88 -11.89 -28.62 -11.19
CA LYS A 88 -11.83 -30.10 -11.06
C LYS A 88 -10.56 -30.64 -11.69
N GLU A 89 -10.29 -30.25 -12.93
CA GLU A 89 -9.13 -30.75 -13.71
C GLU A 89 -7.81 -30.25 -13.09
N ALA A 90 -7.80 -29.03 -12.56
CA ALA A 90 -6.61 -28.47 -11.90
C ALA A 90 -6.28 -29.28 -10.63
N TYR A 91 -7.26 -29.55 -9.77
CA TYR A 91 -6.99 -30.31 -8.51
C TYR A 91 -6.62 -31.74 -8.89
N LYS A 92 -7.27 -32.35 -9.88
CA LYS A 92 -6.86 -33.68 -10.41
C LYS A 92 -5.39 -33.65 -10.81
N TYR A 93 -4.99 -32.67 -11.62
CA TYR A 93 -3.60 -32.55 -12.14
C TYR A 93 -2.65 -32.46 -10.95
N ILE A 94 -3.00 -31.60 -9.99
CA ILE A 94 -2.15 -31.29 -8.80
C ILE A 94 -2.00 -32.55 -7.95
N TYR A 95 -3.06 -33.33 -7.78
CA TYR A 95 -3.02 -34.60 -7.03
C TYR A 95 -2.13 -35.59 -7.79
N GLU A 96 -2.39 -35.75 -9.08
CA GLU A 96 -1.69 -36.66 -10.01
C GLU A 96 -0.19 -36.37 -9.87
N HIS A 97 0.25 -35.10 -9.98
CA HIS A 97 1.68 -34.75 -10.22
C HIS A 97 2.35 -34.10 -9.03
N HIS A 98 1.64 -33.50 -8.07
CA HIS A 98 2.27 -32.60 -7.06
C HIS A 98 1.81 -32.86 -5.62
N ILE A 99 1.11 -33.94 -5.33
CA ILE A 99 0.40 -34.05 -4.02
C ILE A 99 1.43 -34.06 -2.88
N ASN A 100 2.63 -34.58 -3.07
CA ASN A 100 3.67 -34.63 -2.01
C ASN A 100 4.71 -33.54 -2.26
N ASP A 101 4.44 -32.60 -3.17
CA ASP A 101 5.35 -31.45 -3.44
C ASP A 101 5.03 -30.29 -2.50
N ALA A 102 3.93 -30.33 -1.74
CA ALA A 102 3.52 -29.22 -0.87
C ALA A 102 2.59 -29.75 0.21
N ASP A 103 2.30 -28.93 1.22
CA ASP A 103 1.41 -29.22 2.37
C ASP A 103 0.05 -28.58 2.15
N TRP A 104 0.02 -27.45 1.42
CA TRP A 104 -1.18 -26.60 1.23
C TRP A 104 -1.28 -26.21 -0.24
N PHE A 105 -2.51 -26.14 -0.75
CA PHE A 105 -2.83 -25.98 -2.19
C PHE A 105 -3.87 -24.85 -2.33
N LEU A 106 -3.35 -23.69 -2.73
CA LEU A 106 -4.09 -22.42 -2.96
C LEU A 106 -4.61 -22.32 -4.39
N LYS A 107 -5.91 -22.14 -4.54
CA LYS A 107 -6.58 -21.65 -5.77
C LYS A 107 -6.73 -20.13 -5.69
N ALA A 108 -6.33 -19.45 -6.75
CA ALA A 108 -6.49 -18.00 -6.90
C ALA A 108 -6.87 -17.68 -8.36
N ASP A 109 -7.50 -16.53 -8.58
CA ASP A 109 -7.73 -15.90 -9.92
C ASP A 109 -6.50 -15.07 -10.29
N ASP A 110 -6.48 -14.56 -11.52
CA ASP A 110 -5.38 -13.69 -12.03
C ASP A 110 -5.61 -12.23 -11.62
N ASP A 111 -6.63 -11.94 -10.82
CA ASP A 111 -6.87 -10.61 -10.21
C ASP A 111 -6.88 -10.77 -8.69
N THR A 112 -6.33 -11.87 -8.16
CA THR A 112 -6.14 -12.07 -6.70
C THR A 112 -4.73 -11.60 -6.34
N TYR A 113 -4.55 -11.00 -5.19
CA TYR A 113 -3.22 -10.65 -4.68
C TYR A 113 -3.09 -11.32 -3.31
N THR A 114 -2.01 -12.06 -3.12
CA THR A 114 -1.79 -12.87 -1.91
C THR A 114 -0.48 -12.45 -1.27
N ILE A 115 -0.49 -12.14 0.03
CA ILE A 115 0.72 -12.05 0.88
C ILE A 115 1.02 -13.47 1.37
N VAL A 116 1.84 -14.19 0.64
CA VAL A 116 2.10 -15.64 0.86
C VAL A 116 2.65 -15.87 2.28
N GLU A 117 3.53 -15.00 2.80
CA GLU A 117 4.16 -15.15 4.15
C GLU A 117 3.08 -15.17 5.23
N ASN A 118 1.99 -14.41 5.04
CA ASN A 118 0.88 -14.33 6.02
C ASN A 118 0.04 -15.60 5.92
N MET A 119 0.04 -16.25 4.76
CA MET A 119 -0.67 -17.53 4.59
C MET A 119 0.06 -18.62 5.37
N ARG A 120 1.38 -18.65 5.26
CA ARG A 120 2.22 -19.61 6.01
C ARG A 120 1.95 -19.41 7.50
N TYR A 121 1.84 -18.16 7.96
CA TYR A 121 1.64 -17.81 9.38
C TYR A 121 0.32 -18.44 9.86
N MET A 122 -0.78 -18.21 9.14
CA MET A 122 -2.09 -18.82 9.42
C MET A 122 -2.02 -20.35 9.42
N LEU A 123 -1.37 -20.95 8.42
CA LEU A 123 -1.43 -22.43 8.22
C LEU A 123 -0.50 -23.18 9.17
N TYR A 124 0.57 -22.57 9.68
CA TYR A 124 1.63 -23.22 10.51
C TYR A 124 1.05 -24.24 11.48
N PRO A 125 0.16 -23.86 12.43
CA PRO A 125 -0.29 -24.81 13.45
C PRO A 125 -1.01 -26.07 12.93
N TYR A 126 -1.66 -25.99 11.77
CA TYR A 126 -2.58 -27.04 11.26
C TYR A 126 -1.79 -28.18 10.66
N SER A 127 -2.22 -29.42 10.85
CA SER A 127 -1.61 -30.57 10.16
C SER A 127 -2.13 -30.59 8.72
N PRO A 128 -1.24 -30.79 7.73
CA PRO A 128 -1.65 -31.01 6.34
C PRO A 128 -2.59 -32.23 6.22
N GLU A 129 -2.54 -33.13 7.21
CA GLU A 129 -3.32 -34.39 7.23
C GLU A 129 -4.71 -34.10 7.80
N THR A 130 -4.93 -32.95 8.41
CA THR A 130 -6.30 -32.52 8.81
C THR A 130 -7.05 -32.14 7.54
N PRO A 131 -8.25 -32.72 7.30
CA PRO A 131 -9.07 -32.35 6.14
C PRO A 131 -9.77 -31.00 6.39
N VAL A 132 -9.18 -29.92 5.89
CA VAL A 132 -9.70 -28.54 6.13
C VAL A 132 -9.27 -27.67 4.94
N TYR A 133 -10.07 -26.66 4.62
CA TYR A 133 -9.69 -25.55 3.72
C TYR A 133 -10.15 -24.24 4.35
N PHE A 134 -9.50 -23.17 3.90
CA PHE A 134 -9.63 -21.79 4.40
C PHE A 134 -9.85 -20.81 3.25
N GLY A 135 -10.54 -19.72 3.58
CA GLY A 135 -10.73 -18.54 2.70
C GLY A 135 -11.69 -17.54 3.31
N CYS A 136 -12.35 -16.75 2.46
CA CYS A 136 -13.38 -15.77 2.86
C CYS A 136 -14.70 -16.53 2.90
N LYS A 137 -15.26 -16.76 4.08
CA LYS A 137 -16.35 -17.76 4.23
C LYS A 137 -17.72 -17.10 3.93
N PHE A 138 -18.51 -17.71 3.06
CA PHE A 138 -19.89 -17.29 2.72
C PHE A 138 -20.90 -18.36 3.15
N LYS A 139 -22.13 -17.95 3.51
CA LYS A 139 -23.09 -18.86 4.19
C LYS A 139 -24.04 -19.54 3.20
N PRO A 140 -24.43 -18.95 2.05
CA PRO A 140 -25.45 -19.59 1.21
C PRO A 140 -24.94 -20.84 0.47
N TYR A 141 -25.88 -21.74 0.15
CA TYR A 141 -25.77 -22.88 -0.78
C TYR A 141 -25.05 -24.07 -0.14
N VAL A 142 -24.33 -23.90 0.97
CA VAL A 142 -23.59 -24.99 1.63
C VAL A 142 -23.76 -24.80 3.15
N LYS A 143 -24.21 -25.83 3.84
CA LYS A 143 -24.51 -25.73 5.29
C LYS A 143 -23.29 -25.14 6.00
N GLN A 144 -22.12 -25.75 5.92
CA GLN A 144 -20.93 -25.27 6.68
C GLN A 144 -20.27 -24.03 6.00
N GLY A 145 -20.86 -23.51 4.92
CA GLY A 145 -20.29 -22.38 4.16
C GLY A 145 -19.34 -22.82 3.05
N TYR A 146 -19.01 -21.88 2.16
CA TYR A 146 -18.03 -22.04 1.06
C TYR A 146 -17.11 -20.83 1.06
N MET A 147 -16.00 -20.91 0.31
CA MET A 147 -14.96 -19.84 0.29
C MET A 147 -15.02 -19.09 -1.06
N SER A 148 -15.00 -17.75 -1.01
CA SER A 148 -14.93 -16.88 -2.20
C SER A 148 -13.82 -17.38 -3.14
N GLY A 149 -14.18 -17.62 -4.40
CA GLY A 149 -13.23 -17.98 -5.46
C GLY A 149 -12.21 -16.88 -5.70
N GLY A 150 -12.65 -15.63 -5.60
CA GLY A 150 -11.80 -14.47 -5.93
C GLY A 150 -10.77 -14.21 -4.85
N ALA A 151 -11.22 -14.26 -3.60
CA ALA A 151 -10.38 -14.04 -2.41
C ALA A 151 -9.29 -15.12 -2.36
N GLY A 152 -9.50 -16.24 -3.05
CA GLY A 152 -8.63 -17.42 -2.99
C GLY A 152 -8.96 -18.32 -1.81
N TYR A 153 -8.82 -19.63 -1.96
CA TYR A 153 -9.03 -20.61 -0.87
C TYR A 153 -7.92 -21.67 -0.95
N VAL A 154 -7.50 -22.18 0.19
CA VAL A 154 -6.34 -23.09 0.30
C VAL A 154 -6.77 -24.39 1.01
N LEU A 155 -6.47 -25.52 0.35
CA LEU A 155 -6.84 -26.89 0.81
C LEU A 155 -5.63 -27.57 1.41
N SER A 156 -5.85 -28.34 2.48
CA SER A 156 -4.82 -29.26 3.01
C SER A 156 -4.52 -30.36 1.97
N ARG A 157 -3.33 -30.97 2.03
CA ARG A 157 -3.05 -32.20 1.28
C ARG A 157 -4.22 -33.17 1.46
N GLU A 158 -4.73 -33.34 2.67
CA GLU A 158 -5.73 -34.39 2.94
C GLU A 158 -7.03 -33.95 2.26
N ALA A 159 -7.34 -32.67 2.31
CA ALA A 159 -8.50 -32.12 1.58
C ALA A 159 -8.36 -32.38 0.06
N VAL A 160 -7.19 -32.17 -0.53
CA VAL A 160 -7.02 -32.40 -2.01
C VAL A 160 -7.19 -33.89 -2.31
N ARG A 161 -6.61 -34.79 -1.49
CA ARG A 161 -6.75 -36.28 -1.67
C ARG A 161 -8.24 -36.66 -1.74
N ARG A 162 -9.00 -36.29 -0.72
CA ARG A 162 -10.43 -36.62 -0.60
C ARG A 162 -11.18 -36.06 -1.81
N PHE A 163 -10.86 -34.84 -2.21
CA PHE A 163 -11.56 -34.17 -3.33
C PHE A 163 -11.37 -35.04 -4.59
N VAL A 164 -10.13 -35.37 -4.92
CA VAL A 164 -9.81 -36.05 -6.21
C VAL A 164 -10.16 -37.52 -6.10
N VAL A 165 -9.87 -38.15 -4.98
CA VAL A 165 -10.03 -39.63 -4.87
C VAL A 165 -11.46 -39.99 -4.44
N GLU A 166 -12.14 -39.19 -3.63
CA GLU A 166 -13.44 -39.58 -3.01
C GLU A 166 -14.61 -38.83 -3.65
N ALA A 167 -14.50 -37.52 -3.92
CA ALA A 167 -15.64 -36.71 -4.39
C ALA A 167 -15.77 -36.79 -5.92
N LEU A 168 -14.71 -36.52 -6.68
CA LEU A 168 -14.75 -36.39 -8.18
C LEU A 168 -15.35 -37.64 -8.81
N PRO A 169 -14.93 -38.87 -8.42
CA PRO A 169 -15.49 -40.08 -9.04
C PRO A 169 -16.99 -40.30 -8.78
N ASN A 170 -17.59 -39.63 -7.79
CA ASN A 170 -18.97 -39.93 -7.31
C ASN A 170 -19.89 -38.76 -7.61
N PRO A 171 -20.70 -38.87 -8.70
CA PRO A 171 -21.59 -37.80 -9.12
C PRO A 171 -22.66 -37.40 -8.09
N LYS A 172 -22.91 -38.25 -7.11
CA LYS A 172 -23.84 -37.94 -5.99
C LYS A 172 -23.16 -36.96 -5.03
N LEU A 173 -21.83 -37.00 -4.91
CA LEU A 173 -21.07 -36.16 -3.94
C LEU A 173 -20.63 -34.85 -4.59
N CYS A 174 -20.46 -34.86 -5.92
CA CYS A 174 -19.69 -33.84 -6.64
C CYS A 174 -20.23 -33.67 -8.04
N LYS A 175 -20.68 -32.45 -8.38
CA LYS A 175 -21.39 -32.10 -9.65
C LYS A 175 -20.49 -32.42 -10.86
N SER A 176 -20.92 -33.32 -11.73
CA SER A 176 -20.13 -33.87 -12.87
C SER A 176 -20.19 -32.96 -14.10
N ASP A 177 -21.22 -32.14 -14.27
CA ASP A 177 -21.19 -31.12 -15.37
C ASP A 177 -20.17 -30.03 -15.01
N ASN A 178 -19.68 -29.32 -16.01
CA ASN A 178 -18.59 -28.33 -15.85
C ASN A 178 -19.14 -26.91 -15.62
N SER A 179 -20.46 -26.73 -15.49
CA SER A 179 -21.18 -25.46 -15.26
C SER A 179 -21.33 -25.19 -13.75
N GLY A 180 -21.67 -23.96 -13.39
CA GLY A 180 -21.95 -23.49 -12.02
C GLY A 180 -20.82 -22.67 -11.42
N ALA A 181 -21.10 -22.03 -10.29
CA ALA A 181 -20.16 -21.26 -9.46
C ALA A 181 -19.11 -22.22 -8.92
N GLU A 182 -17.92 -22.17 -9.49
CA GLU A 182 -16.70 -22.93 -9.13
C GLU A 182 -16.57 -23.08 -7.60
N ASP A 183 -16.72 -21.97 -6.87
CA ASP A 183 -16.43 -21.87 -5.41
C ASP A 183 -17.57 -22.52 -4.60
N VAL A 184 -18.82 -22.36 -5.03
CA VAL A 184 -19.99 -23.04 -4.41
C VAL A 184 -19.84 -24.55 -4.57
N GLU A 185 -19.54 -24.99 -5.81
CA GLU A 185 -19.41 -26.43 -6.16
C GLU A 185 -18.32 -27.08 -5.32
N ILE A 186 -17.12 -26.51 -5.25
CA ILE A 186 -16.03 -27.15 -4.47
C ILE A 186 -16.45 -27.16 -3.00
N GLY A 187 -17.16 -26.14 -2.55
CA GLY A 187 -17.71 -26.04 -1.18
C GLY A 187 -18.56 -27.24 -0.85
N LYS A 188 -19.42 -27.62 -1.81
CA LYS A 188 -20.32 -28.80 -1.72
C LYS A 188 -19.52 -30.12 -1.75
N CYS A 189 -18.66 -30.34 -2.78
CA CYS A 189 -17.81 -31.56 -2.85
C CYS A 189 -17.07 -31.74 -1.51
N LEU A 190 -16.50 -30.68 -0.96
CA LEU A 190 -15.63 -30.77 0.25
C LEU A 190 -16.51 -31.06 1.47
N GLN A 191 -17.64 -30.39 1.63
CA GLN A 191 -18.56 -30.75 2.74
C GLN A 191 -18.92 -32.23 2.63
N ASN A 192 -19.18 -32.75 1.42
CA ASN A 192 -19.65 -34.15 1.27
C ASN A 192 -18.56 -35.16 1.61
N VAL A 193 -17.28 -34.79 1.67
CA VAL A 193 -16.22 -35.78 2.03
C VAL A 193 -15.58 -35.38 3.37
N ASN A 194 -16.32 -34.64 4.21
CA ASN A 194 -15.98 -34.30 5.62
C ASN A 194 -14.69 -33.47 5.68
N VAL A 195 -14.47 -32.61 4.69
CA VAL A 195 -13.49 -31.52 4.79
C VAL A 195 -14.15 -30.36 5.52
N LEU A 196 -13.47 -29.88 6.55
CA LEU A 196 -13.95 -28.77 7.41
C LEU A 196 -13.67 -27.43 6.71
N ALA A 197 -14.65 -26.53 6.83
CA ALA A 197 -14.54 -25.12 6.45
C ALA A 197 -13.91 -24.41 7.64
N GLY A 198 -12.56 -24.30 7.63
CA GLY A 198 -11.80 -23.55 8.65
C GLY A 198 -12.27 -22.11 8.81
N ASP A 199 -11.76 -21.41 9.82
CA ASP A 199 -12.02 -19.98 10.12
C ASP A 199 -10.66 -19.27 9.95
N SER A 200 -10.57 -18.33 9.02
CA SER A 200 -9.30 -17.71 8.56
C SER A 200 -9.14 -16.34 9.22
N ARG A 201 -10.08 -15.92 10.06
CA ARG A 201 -9.98 -14.63 10.81
C ARG A 201 -8.80 -14.67 11.78
N ASP A 202 -8.22 -13.51 12.12
CA ASP A 202 -7.10 -13.45 13.09
C ASP A 202 -7.70 -13.54 14.50
N SER A 203 -6.84 -13.68 15.50
CA SER A 203 -7.23 -13.94 16.91
C SER A 203 -8.02 -12.75 17.47
N ASN A 204 -7.91 -11.55 16.85
CA ASN A 204 -8.79 -10.39 17.19
C ASN A 204 -10.06 -10.39 16.33
N GLY A 205 -10.31 -11.37 15.47
CA GLY A 205 -11.57 -11.43 14.68
C GLY A 205 -11.54 -10.59 13.42
N ARG A 206 -10.40 -10.05 13.02
CA ARG A 206 -10.29 -9.28 11.75
C ARG A 206 -10.09 -10.27 10.59
N GLY A 207 -10.65 -9.94 9.41
CA GLY A 207 -10.52 -10.79 8.21
C GLY A 207 -9.10 -10.79 7.66
N ARG A 208 -8.74 -11.85 6.94
CA ARG A 208 -7.44 -12.04 6.29
C ARG A 208 -7.65 -12.28 4.80
N PHE A 209 -8.78 -12.82 4.40
CA PHE A 209 -9.12 -13.10 2.98
C PHE A 209 -10.24 -12.17 2.55
N PHE A 210 -10.02 -11.44 1.47
CA PHE A 210 -10.89 -10.33 1.01
C PHE A 210 -11.17 -10.47 -0.48
N PRO A 211 -12.46 -10.42 -0.85
CA PRO A 211 -12.86 -10.50 -2.26
C PRO A 211 -12.77 -9.20 -3.04
N PHE A 212 -12.54 -8.08 -2.35
CA PHE A 212 -12.40 -6.75 -3.02
C PHE A 212 -11.06 -6.15 -2.70
N VAL A 213 -10.81 -4.97 -3.27
CA VAL A 213 -9.56 -4.20 -3.01
C VAL A 213 -9.63 -3.64 -1.58
N PRO A 214 -8.49 -3.29 -0.98
CA PRO A 214 -8.46 -2.75 0.38
C PRO A 214 -9.41 -1.56 0.63
N GLU A 215 -9.45 -0.59 -0.27
CA GLU A 215 -10.32 0.63 -0.10
C GLU A 215 -11.77 0.22 0.15
N HIS A 216 -12.26 -0.83 -0.50
CA HIS A 216 -13.68 -1.24 -0.49
C HIS A 216 -14.05 -1.83 0.88
N HIS A 217 -13.07 -2.38 1.61
CA HIS A 217 -13.23 -2.97 2.97
C HIS A 217 -12.93 -1.94 4.07
N LEU A 218 -11.94 -1.07 3.84
CA LEU A 218 -11.55 0.01 4.78
C LEU A 218 -12.63 1.08 4.78
N ILE A 219 -13.16 1.41 3.61
CA ILE A 219 -14.21 2.46 3.44
C ILE A 219 -15.42 1.83 2.74
N PRO A 220 -16.28 1.09 3.46
CA PRO A 220 -17.40 0.42 2.79
C PRO A 220 -18.35 1.46 2.16
N SER A 221 -18.41 1.48 0.82
CA SER A 221 -19.16 2.49 0.01
C SER A 221 -20.62 2.05 -0.07
N HIS A 222 -20.85 0.82 -0.56
CA HIS A 222 -22.16 0.10 -0.45
C HIS A 222 -22.44 -0.10 1.05
N THR A 223 -22.83 0.97 1.74
CA THR A 223 -23.45 0.93 3.09
C THR A 223 -24.88 0.44 2.88
N ASP A 224 -25.45 0.79 1.71
CA ASP A 224 -26.53 0.05 0.99
C ASP A 224 -26.42 -1.43 1.38
N LYS A 225 -27.13 -1.83 2.43
CA LYS A 225 -26.98 -3.14 3.12
C LYS A 225 -27.63 -4.27 2.29
N LYS A 226 -28.32 -3.93 1.18
CA LYS A 226 -28.89 -4.90 0.20
C LYS A 226 -27.78 -5.53 -0.65
N PHE A 227 -26.57 -4.98 -0.61
CA PHE A 227 -25.41 -5.49 -1.38
C PHE A 227 -25.14 -6.93 -0.97
N TRP A 228 -24.86 -7.80 -1.94
CA TRP A 228 -24.86 -9.26 -1.75
C TRP A 228 -23.86 -9.64 -0.64
N TYR A 229 -22.73 -8.95 -0.58
CA TYR A 229 -21.63 -9.25 0.35
C TYR A 229 -22.12 -9.32 1.81
N TRP A 230 -22.95 -8.38 2.26
CA TRP A 230 -23.41 -8.30 3.68
C TRP A 230 -24.33 -9.48 3.97
N GLN A 231 -25.01 -10.01 2.95
CA GLN A 231 -25.91 -11.19 3.08
C GLN A 231 -25.09 -12.49 3.05
N TYR A 232 -24.04 -12.54 2.24
CA TYR A 232 -23.26 -13.80 2.07
C TYR A 232 -22.31 -14.02 3.26
N ILE A 233 -21.74 -12.97 3.84
CA ILE A 233 -20.62 -13.14 4.82
C ILE A 233 -21.12 -14.04 5.96
N PHE A 234 -20.31 -15.05 6.32
CA PHE A 234 -20.64 -16.10 7.33
C PHE A 234 -20.55 -15.47 8.73
N TYR A 235 -19.44 -14.80 9.04
CA TYR A 235 -19.23 -14.09 10.33
C TYR A 235 -19.62 -12.61 10.15
N LYS A 236 -20.49 -12.12 11.03
CA LYS A 236 -20.97 -10.71 11.07
C LYS A 236 -19.77 -9.76 11.22
N THR A 237 -19.72 -8.71 10.40
CA THR A 237 -18.74 -7.59 10.52
C THR A 237 -19.32 -6.32 9.87
N ASP A 238 -19.03 -5.17 10.45
CA ASP A 238 -19.26 -3.80 9.92
C ASP A 238 -18.20 -3.45 8.85
N GLU A 239 -17.04 -4.13 8.84
CA GLU A 239 -15.84 -3.69 8.08
C GLU A 239 -15.45 -2.28 8.59
N GLY A 240 -14.97 -1.39 7.71
CA GLY A 240 -14.40 -0.08 8.06
C GLY A 240 -12.92 -0.17 8.40
N LEU A 241 -12.38 0.85 9.05
CA LEU A 241 -10.92 1.03 9.28
C LEU A 241 -10.37 -0.10 10.16
N ASP A 242 -11.29 -0.81 10.84
CA ASP A 242 -11.11 -1.99 11.72
C ASP A 242 -11.01 -3.31 10.94
N CYS A 243 -11.44 -3.35 9.66
CA CYS A 243 -11.81 -4.58 8.91
C CYS A 243 -10.69 -5.63 8.94
N CYS A 244 -9.44 -5.19 8.87
CA CYS A 244 -8.39 -5.90 8.11
C CYS A 244 -7.19 -6.22 9.03
N SER A 245 -6.75 -7.46 9.03
CA SER A 245 -5.63 -7.92 9.88
C SER A 245 -4.33 -7.24 9.43
N ASP A 246 -3.42 -7.00 10.39
CA ASP A 246 -2.00 -6.67 10.12
C ASP A 246 -1.35 -7.86 9.38
N ASN A 247 -1.92 -9.07 9.45
CA ASN A 247 -1.45 -10.24 8.67
C ASN A 247 -2.54 -10.71 7.70
N ALA A 248 -3.25 -9.79 7.04
CA ALA A 248 -4.16 -10.14 5.93
C ALA A 248 -3.40 -10.96 4.86
N ILE A 249 -4.13 -11.83 4.18
CA ILE A 249 -3.56 -12.85 3.27
C ILE A 249 -3.87 -12.47 1.82
N SER A 250 -5.06 -11.96 1.50
CA SER A 250 -5.43 -11.79 0.08
C SER A 250 -6.42 -10.64 -0.13
N PHE A 251 -6.32 -10.00 -1.29
CA PHE A 251 -7.29 -9.05 -1.85
C PHE A 251 -7.55 -9.47 -3.29
N HIS A 252 -8.62 -8.96 -3.89
CA HIS A 252 -9.09 -9.41 -5.21
C HIS A 252 -9.72 -8.23 -5.97
N TYR A 253 -9.90 -8.35 -7.27
CA TYR A 253 -10.21 -7.24 -8.21
C TYR A 253 -9.02 -6.28 -8.17
N VAL A 254 -7.82 -6.82 -7.99
CA VAL A 254 -6.51 -6.10 -8.06
C VAL A 254 -6.08 -6.12 -9.53
N SER A 255 -5.90 -4.94 -10.11
CA SER A 255 -5.43 -4.74 -11.50
C SER A 255 -3.95 -5.11 -11.56
N PRO A 256 -3.46 -5.50 -12.74
CA PRO A 256 -2.05 -5.81 -12.94
C PRO A 256 -1.11 -4.74 -12.39
N ASN A 257 -1.35 -3.45 -12.69
CA ASN A 257 -0.53 -2.35 -12.13
C ASN A 257 -0.60 -2.34 -10.59
N GLN A 258 -1.77 -2.60 -10.01
CA GLN A 258 -1.96 -2.51 -8.55
C GLN A 258 -1.20 -3.66 -7.87
N MET A 259 -0.92 -4.74 -8.57
CA MET A 259 -0.07 -5.84 -8.01
C MET A 259 1.28 -5.26 -7.61
N TYR A 260 1.88 -4.41 -8.45
CA TYR A 260 3.23 -3.84 -8.25
C TYR A 260 3.17 -2.80 -7.13
N VAL A 261 2.06 -2.07 -7.01
CA VAL A 261 1.89 -1.05 -5.94
C VAL A 261 1.80 -1.76 -4.59
N LEU A 262 0.93 -2.76 -4.49
CA LEU A 262 0.77 -3.52 -3.22
C LEU A 262 2.13 -4.11 -2.84
N ASP A 263 2.84 -4.67 -3.82
CA ASP A 263 4.18 -5.24 -3.59
C ASP A 263 5.06 -4.18 -2.93
N TYR A 264 5.10 -3.00 -3.52
CA TYR A 264 6.00 -1.89 -3.09
C TYR A 264 5.58 -1.47 -1.67
N LEU A 265 4.30 -1.20 -1.45
CA LEU A 265 3.83 -0.62 -0.17
C LEU A 265 3.92 -1.65 0.95
N ILE A 266 3.86 -2.94 0.64
CA ILE A 266 3.81 -4.01 1.68
C ILE A 266 5.24 -4.48 2.01
N TYR A 267 6.06 -4.67 0.99
CA TYR A 267 7.37 -5.35 1.11
C TYR A 267 8.48 -4.31 1.25
N HIS A 268 8.35 -3.10 0.68
CA HIS A 268 9.47 -2.14 0.50
C HIS A 268 9.29 -0.92 1.39
N LEU A 269 8.23 -0.13 1.20
CA LEU A 269 8.04 1.13 1.95
C LEU A 269 7.74 0.79 3.42
N ARG A 270 8.47 1.41 4.36
CA ARG A 270 8.19 1.27 5.80
C ARG A 270 8.55 2.56 6.52
N PRO A 271 7.90 2.84 7.66
CA PRO A 271 8.19 4.05 8.44
C PRO A 271 9.42 3.78 9.31
N TYR A 272 10.46 4.59 9.13
CA TYR A 272 11.75 4.38 9.83
C TYR A 272 11.50 4.32 11.32
N GLY A 273 12.04 3.28 11.97
CA GLY A 273 12.10 3.18 13.43
C GLY A 273 10.82 2.62 14.01
N ILE A 274 9.91 2.14 13.20
CA ILE A 274 8.76 1.32 13.69
C ILE A 274 9.01 -0.11 13.21
N ILE A 275 9.41 -0.98 14.13
CA ILE A 275 9.92 -2.34 13.79
C ILE A 275 8.78 -3.31 14.08
N ASN A 276 8.28 -3.95 13.05
CA ASN A 276 7.21 -4.97 13.20
C ASN A 276 7.83 -6.09 14.05
N THR A 277 7.21 -6.43 15.17
CA THR A 277 7.68 -7.55 16.04
C THR A 277 6.71 -8.70 15.88
N PRO A 278 7.11 -9.88 15.35
CA PRO A 278 6.18 -11.00 15.16
C PRO A 278 5.61 -11.61 16.44
N ASP A 279 4.28 -11.77 16.51
CA ASP A 279 3.59 -12.67 17.47
C ASP A 279 4.20 -14.05 17.40
N ALA A 280 4.47 -14.70 18.54
CA ALA A 280 5.02 -16.08 18.63
C ALA A 280 4.07 -17.04 17.93
N LEU A 281 4.66 -18.02 17.22
CA LEU A 281 3.96 -19.10 16.48
C LEU A 281 3.14 -19.91 17.47
N PRO A 282 1.84 -20.20 17.22
CA PRO A 282 1.12 -21.16 18.04
C PRO A 282 1.82 -22.52 17.97
N ASN A 283 1.53 -23.39 18.94
CA ASN A 283 1.99 -24.80 18.95
C ASN A 283 1.25 -25.60 17.88
N LYS A 284 1.96 -26.53 17.23
CA LYS A 284 1.40 -27.44 16.21
C LYS A 284 0.19 -28.16 16.80
N LEU A 285 -0.82 -28.40 15.96
CA LEU A 285 -2.09 -29.06 16.35
C LEU A 285 -2.00 -30.55 15.95
N ALA A 286 -2.79 -31.39 16.62
CA ALA A 286 -2.97 -32.82 16.32
C ALA A 286 -3.73 -32.95 14.98
N VAL A 287 -3.60 -34.08 14.30
CA VAL A 287 -4.43 -34.39 13.11
C VAL A 287 -5.91 -34.33 13.53
N GLY A 288 -6.75 -33.60 12.77
CA GLY A 288 -8.22 -33.48 12.96
C GLY A 288 -8.62 -32.26 13.76
N GLU A 289 -7.63 -31.54 14.27
CA GLU A 289 -7.79 -30.43 15.26
C GLU A 289 -7.73 -29.08 14.54
N LEU A 290 -8.64 -28.17 14.87
CA LEU A 290 -8.63 -26.75 14.43
C LEU A 290 -8.21 -25.83 15.59
N MET A 291 -7.88 -24.57 15.32
CA MET A 291 -7.60 -23.55 16.37
C MET A 291 -8.91 -23.30 17.12
N PRO A 292 -8.88 -22.81 18.38
CA PRO A 292 -10.11 -22.53 19.14
C PRO A 292 -10.86 -21.26 18.73
N GLU A 293 -11.94 -20.93 19.46
CA GLU A 293 -12.69 -19.64 19.47
C GLU A 293 -13.73 -19.65 18.34
N HIS B 14 1.84 -6.30 16.72
CA HIS B 14 2.56 -5.32 17.60
C HIS B 14 3.76 -4.71 16.86
N GLU B 15 4.25 -3.58 17.37
CA GLU B 15 5.38 -2.83 16.79
C GLU B 15 6.20 -2.25 17.94
N ASN B 16 7.52 -2.24 17.78
CA ASN B 16 8.43 -1.45 18.63
C ASN B 16 8.71 -0.15 17.86
N SER B 17 8.27 0.99 18.39
CA SER B 17 8.37 2.33 17.76
C SER B 17 9.29 3.27 18.59
N THR B 18 10.14 2.69 19.43
CA THR B 18 11.06 3.42 20.34
C THR B 18 11.94 4.34 19.53
N ILE B 19 12.48 3.85 18.43
CA ILE B 19 13.45 4.62 17.61
C ILE B 19 12.72 5.85 17.07
N ALA B 20 11.50 5.68 16.57
CA ALA B 20 10.75 6.74 15.90
C ALA B 20 10.24 7.70 16.96
N GLU B 21 10.05 7.25 18.19
CA GLU B 21 9.58 8.15 19.31
C GLU B 21 10.75 9.04 19.77
N ARG B 22 11.95 8.50 19.75
CA ARG B 22 13.21 9.23 20.03
C ARG B 22 13.41 10.33 18.95
N LEU B 23 13.32 9.99 17.65
CA LEU B 23 13.42 10.99 16.56
C LEU B 23 12.28 12.01 16.65
N TYR B 24 11.11 11.63 17.15
CA TYR B 24 9.97 12.56 17.28
C TYR B 24 10.41 13.79 18.08
N SER B 25 11.18 13.58 19.14
CA SER B 25 11.58 14.63 20.09
C SER B 25 12.87 15.30 19.62
N GLU B 26 13.70 14.61 18.85
CA GLU B 26 15.01 15.12 18.37
C GLU B 26 14.84 15.94 17.10
N VAL B 27 13.85 15.60 16.26
CA VAL B 27 13.62 16.23 14.93
C VAL B 27 12.18 16.71 14.88
N ARG B 28 11.90 17.88 15.44
CA ARG B 28 10.50 18.39 15.51
C ARG B 28 10.11 18.92 14.13
N VAL B 29 9.02 18.38 13.59
CA VAL B 29 8.47 18.75 12.27
C VAL B 29 7.12 19.43 12.49
N LEU B 30 7.01 20.66 12.04
CA LEU B 30 5.71 21.38 11.96
C LEU B 30 5.21 21.19 10.53
N CYS B 31 3.98 20.72 10.42
CA CYS B 31 3.33 20.48 9.13
C CYS B 31 2.22 21.52 8.97
N TRP B 32 2.31 22.34 7.93
CA TRP B 32 1.17 23.17 7.52
C TRP B 32 0.60 22.68 6.19
N ILE B 33 -0.72 22.69 6.11
CA ILE B 33 -1.55 22.16 5.02
C ILE B 33 -2.28 23.33 4.41
N MET B 34 -2.02 23.59 3.12
CA MET B 34 -2.80 24.55 2.34
C MET B 34 -4.19 23.97 2.02
N THR B 35 -5.25 24.66 2.40
CA THR B 35 -6.63 24.21 2.12
C THR B 35 -7.53 25.43 1.95
N ASN B 36 -8.81 25.19 1.70
CA ASN B 36 -9.85 26.22 1.45
C ASN B 36 -11.16 25.68 2.00
N PRO B 37 -12.16 26.52 2.28
CA PRO B 37 -13.42 26.08 2.90
C PRO B 37 -14.10 24.89 2.20
N SER B 38 -14.16 24.87 0.87
CA SER B 38 -14.72 23.76 0.06
C SER B 38 -14.04 22.42 0.38
N ASN B 39 -12.78 22.42 0.80
CA ASN B 39 -11.99 21.19 1.07
C ASN B 39 -11.96 20.85 2.56
N HIS B 40 -12.51 21.68 3.43
CA HIS B 40 -12.33 21.49 4.90
C HIS B 40 -12.77 20.08 5.28
N GLN B 41 -13.97 19.69 4.87
CA GLN B 41 -14.58 18.38 5.19
C GLN B 41 -14.17 17.35 4.12
N LYS B 42 -14.13 17.70 2.83
CA LYS B 42 -13.79 16.73 1.74
C LYS B 42 -12.37 16.17 1.85
N LYS B 43 -11.36 16.98 2.23
CA LYS B 43 -9.93 16.58 2.10
C LYS B 43 -9.17 16.79 3.40
N ALA B 44 -9.16 18.02 3.93
CA ALA B 44 -8.32 18.47 5.07
C ALA B 44 -8.57 17.57 6.28
N ARG B 45 -9.83 17.28 6.57
CA ARG B 45 -10.25 16.37 7.67
C ARG B 45 -9.42 15.08 7.62
N HIS B 46 -9.27 14.52 6.43
CA HIS B 46 -8.72 13.16 6.25
C HIS B 46 -7.21 13.21 6.34
N VAL B 47 -6.61 14.35 6.05
CA VAL B 47 -5.17 14.59 6.34
C VAL B 47 -4.98 14.56 7.87
N LYS B 48 -5.81 15.27 8.61
CA LYS B 48 -5.72 15.35 10.08
C LYS B 48 -5.85 13.95 10.67
N ARG B 49 -6.81 13.14 10.20
CA ARG B 49 -7.13 11.80 10.79
C ARG B 49 -6.08 10.76 10.41
N THR B 50 -5.30 10.96 9.35
CA THR B 50 -4.24 10.00 8.90
C THR B 50 -2.84 10.54 9.27
N TRP B 51 -2.10 11.11 8.33
CA TRP B 51 -0.66 11.42 8.56
C TRP B 51 -0.43 12.70 9.37
N GLY B 52 -1.40 13.60 9.40
CA GLY B 52 -1.26 14.92 10.05
C GLY B 52 -0.92 14.80 11.52
N LYS B 53 -1.58 13.87 12.21
CA LYS B 53 -1.46 13.71 13.68
C LYS B 53 -0.08 13.17 14.05
N ARG B 54 0.72 12.73 13.11
CA ARG B 54 2.08 12.20 13.37
C ARG B 54 3.11 13.34 13.44
N CYS B 55 2.78 14.52 12.92
CA CYS B 55 3.65 15.73 12.99
C CYS B 55 3.74 16.21 14.44
N ASN B 56 4.85 16.89 14.78
CA ASN B 56 5.02 17.54 16.11
C ASN B 56 3.98 18.62 16.32
N LYS B 57 3.56 19.27 15.23
CA LYS B 57 2.59 20.38 15.23
C LYS B 57 1.93 20.40 13.84
N LEU B 58 0.60 20.43 13.81
CA LEU B 58 -0.18 20.43 12.58
C LEU B 58 -1.01 21.71 12.53
N ILE B 59 -0.96 22.41 11.40
CA ILE B 59 -1.70 23.68 11.15
C ILE B 59 -2.33 23.68 9.76
N PHE B 60 -3.64 23.89 9.71
CA PHE B 60 -4.42 24.09 8.48
C PHE B 60 -4.46 25.57 8.16
N MET B 61 -4.00 25.92 6.96
CA MET B 61 -3.85 27.32 6.50
C MET B 61 -4.91 27.58 5.42
N SER B 62 -5.95 28.29 5.80
CA SER B 62 -7.16 28.52 4.97
C SER B 62 -7.40 30.02 4.77
N SER B 63 -8.53 30.37 4.17
CA SER B 63 -9.08 31.74 4.06
C SER B 63 -10.27 31.91 5.02
N ALA B 64 -10.60 30.91 5.82
CA ALA B 64 -11.75 30.96 6.76
C ALA B 64 -11.47 30.03 7.94
N LYS B 65 -12.02 30.37 9.12
CA LYS B 65 -11.87 29.60 10.38
C LYS B 65 -12.71 28.32 10.29
N ASP B 66 -12.44 27.33 11.17
CA ASP B 66 -13.15 26.01 11.22
C ASP B 66 -12.83 25.31 12.54
N ASP B 67 -13.89 25.01 13.33
CA ASP B 67 -13.84 24.34 14.66
C ASP B 67 -13.05 23.04 14.58
N GLU B 68 -13.45 22.14 13.67
CA GLU B 68 -12.90 20.77 13.53
C GLU B 68 -11.38 20.78 13.28
N LEU B 69 -10.89 21.62 12.35
CA LEU B 69 -9.45 21.71 11.95
C LEU B 69 -8.67 22.70 12.85
N ASP B 70 -9.38 23.62 13.49
CA ASP B 70 -8.79 24.77 14.21
C ASP B 70 -8.02 25.63 13.17
N ALA B 71 -8.59 25.81 11.98
CA ALA B 71 -7.94 26.37 10.76
C ALA B 71 -7.55 27.83 11.04
N VAL B 72 -6.40 28.25 10.53
CA VAL B 72 -5.98 29.69 10.54
C VAL B 72 -6.56 30.37 9.29
N ALA B 73 -7.27 31.49 9.46
CA ALA B 73 -7.81 32.31 8.35
C ALA B 73 -6.75 33.33 7.97
N LEU B 74 -6.08 33.10 6.84
CA LEU B 74 -5.08 34.05 6.30
C LEU B 74 -5.84 35.21 5.64
N PRO B 75 -5.33 36.45 5.73
CA PRO B 75 -5.94 37.60 5.07
C PRO B 75 -5.71 37.53 3.55
N VAL B 76 -6.23 36.49 2.91
CA VAL B 76 -5.91 36.16 1.49
C VAL B 76 -7.19 35.60 0.88
N GLY B 77 -7.55 36.06 -0.32
CA GLY B 77 -8.73 35.55 -1.03
C GLY B 77 -8.51 34.13 -1.52
N GLU B 78 -9.53 33.55 -2.15
CA GLU B 78 -9.51 32.17 -2.66
C GLU B 78 -9.08 32.20 -4.12
N GLY B 79 -8.98 31.03 -4.75
CA GLY B 79 -8.55 30.89 -6.14
C GLY B 79 -7.08 30.54 -6.26
N ARG B 80 -6.75 29.88 -7.37
CA ARG B 80 -5.40 29.44 -7.78
C ARG B 80 -4.45 30.62 -7.88
N ASN B 81 -5.00 31.81 -8.11
CA ASN B 81 -4.29 33.09 -8.26
C ASN B 81 -3.84 33.66 -6.90
N ASN B 82 -4.19 33.05 -5.77
CA ASN B 82 -3.78 33.53 -4.43
C ASN B 82 -2.97 32.47 -3.66
N LEU B 83 -2.53 31.40 -4.29
CA LEU B 83 -1.80 30.30 -3.56
C LEU B 83 -0.45 30.87 -3.06
N TRP B 84 0.19 31.69 -3.88
CA TRP B 84 1.49 32.31 -3.51
C TRP B 84 1.28 33.24 -2.31
N GLY B 85 0.18 33.98 -2.27
CA GLY B 85 -0.18 34.84 -1.12
C GLY B 85 -0.46 34.02 0.13
N LYS B 86 -1.04 32.83 0.03
CA LYS B 86 -1.26 31.96 1.20
C LYS B 86 0.08 31.43 1.72
N THR B 87 0.99 31.05 0.82
CA THR B 87 2.32 30.55 1.21
C THR B 87 3.05 31.62 2.03
N LYS B 88 3.11 32.86 1.51
CA LYS B 88 3.80 33.99 2.18
C LYS B 88 3.20 34.22 3.57
N GLU B 89 1.88 34.31 3.65
CA GLU B 89 1.16 34.61 4.90
C GLU B 89 1.32 33.48 5.92
N ALA B 90 1.34 32.24 5.45
CA ALA B 90 1.50 31.05 6.32
C ALA B 90 2.90 31.07 6.93
N TYR B 91 3.96 31.29 6.14
CA TYR B 91 5.33 31.28 6.71
C TYR B 91 5.49 32.52 7.62
N LYS B 92 4.96 33.68 7.25
CA LYS B 92 4.90 34.86 8.19
C LYS B 92 4.24 34.49 9.52
N TYR B 93 3.07 33.87 9.46
CA TYR B 93 2.30 33.46 10.67
C TYR B 93 3.14 32.52 11.52
N ILE B 94 3.75 31.53 10.87
CA ILE B 94 4.58 30.47 11.50
C ILE B 94 5.81 31.10 12.17
N TYR B 95 6.43 32.08 11.51
CA TYR B 95 7.60 32.82 12.06
C TYR B 95 7.14 33.63 13.27
N GLU B 96 6.05 34.38 13.12
CA GLU B 96 5.41 35.18 14.17
C GLU B 96 5.21 34.28 15.39
N HIS B 97 4.55 33.12 15.26
CA HIS B 97 3.95 32.37 16.41
C HIS B 97 4.65 31.05 16.73
N HIS B 98 5.42 30.44 15.83
CA HIS B 98 5.84 29.01 15.97
C HIS B 98 7.32 28.79 15.65
N ILE B 99 8.13 29.81 15.49
CA ILE B 99 9.50 29.63 14.93
C ILE B 99 10.34 28.77 15.90
N ASN B 100 10.06 28.77 17.20
CA ASN B 100 10.83 27.97 18.18
C ASN B 100 10.01 26.73 18.58
N ASP B 101 8.90 26.46 17.89
CA ASP B 101 8.04 25.29 18.20
C ASP B 101 8.53 24.05 17.42
N ALA B 102 9.47 24.18 16.49
CA ALA B 102 9.93 23.05 15.65
C ALA B 102 11.28 23.37 15.05
N ASP B 103 11.90 22.36 14.45
CA ASP B 103 13.21 22.43 13.76
C ASP B 103 12.97 22.52 12.25
N TRP B 104 11.88 21.94 11.76
CA TRP B 104 11.59 21.76 10.31
C TRP B 104 10.14 22.13 10.04
N PHE B 105 9.88 22.77 8.90
CA PHE B 105 8.57 23.37 8.54
C PHE B 105 8.18 22.91 7.14
N LEU B 106 7.31 21.88 7.14
CA LEU B 106 6.72 21.25 5.95
C LEU B 106 5.49 21.99 5.45
N LYS B 107 5.51 22.40 4.19
CA LYS B 107 4.32 22.78 3.38
C LYS B 107 3.83 21.55 2.61
N ALA B 108 2.55 21.25 2.76
CA ALA B 108 1.87 20.21 1.99
C ALA B 108 0.50 20.73 1.52
N ASP B 109 -0.04 20.13 0.47
CA ASP B 109 -1.45 20.27 0.01
C ASP B 109 -2.34 19.30 0.78
N ASP B 110 -3.66 19.43 0.61
CA ASP B 110 -4.65 18.52 1.23
C ASP B 110 -4.82 17.23 0.40
N ASP B 111 -4.01 17.03 -0.66
CA ASP B 111 -3.96 15.77 -1.44
C ASP B 111 -2.52 15.25 -1.40
N THR B 112 -1.72 15.71 -0.44
CA THR B 112 -0.35 15.19 -0.21
C THR B 112 -0.46 14.11 0.86
N TYR B 113 0.30 13.03 0.73
CA TYR B 113 0.40 12.03 1.80
C TYR B 113 1.86 11.96 2.18
N THR B 114 2.15 12.11 3.48
CA THR B 114 3.54 12.13 4.01
C THR B 114 3.72 11.01 5.03
N ILE B 115 4.76 10.19 4.86
CA ILE B 115 5.29 9.27 5.90
C ILE B 115 6.25 10.10 6.75
N VAL B 116 5.73 10.68 7.83
CA VAL B 116 6.47 11.67 8.69
C VAL B 116 7.73 11.04 9.29
N GLU B 117 7.70 9.76 9.65
CA GLU B 117 8.83 9.02 10.28
C GLU B 117 10.03 9.02 9.33
N ASN B 118 9.77 8.93 8.02
CA ASN B 118 10.83 8.88 6.98
C ASN B 118 11.39 10.29 6.76
N MET B 119 10.59 11.30 7.05
CA MET B 119 11.05 12.70 6.96
C MET B 119 12.05 12.96 8.08
N ARG B 120 11.71 12.51 9.31
CA ARG B 120 12.63 12.69 10.46
C ARG B 120 13.93 11.95 10.14
N TYR B 121 13.84 10.75 9.56
CA TYR B 121 15.02 9.93 9.18
C TYR B 121 15.96 10.74 8.27
N MET B 122 15.42 11.29 7.18
CA MET B 122 16.17 12.14 6.23
C MET B 122 16.76 13.38 6.92
N LEU B 123 15.99 14.07 7.77
CA LEU B 123 16.39 15.39 8.31
C LEU B 123 17.38 15.26 9.46
N TYR B 124 17.42 14.13 10.18
CA TYR B 124 18.24 13.90 11.39
C TYR B 124 19.63 14.52 11.29
N PRO B 125 20.48 14.16 10.32
CA PRO B 125 21.84 14.71 10.29
C PRO B 125 21.98 16.24 10.15
N TYR B 126 21.02 16.91 9.50
CA TYR B 126 21.08 18.33 9.11
C TYR B 126 20.81 19.24 10.31
N SER B 127 21.59 20.31 10.46
CA SER B 127 21.32 21.33 11.51
C SER B 127 20.13 22.18 11.08
N PRO B 128 19.17 22.43 12.00
CA PRO B 128 18.07 23.34 11.68
C PRO B 128 18.60 24.77 11.41
N GLU B 129 19.84 25.03 11.78
CA GLU B 129 20.50 26.34 11.58
C GLU B 129 21.13 26.38 10.19
N THR B 130 21.23 25.24 9.49
CA THR B 130 21.66 25.20 8.07
C THR B 130 20.50 25.75 7.25
N PRO B 131 20.75 26.77 6.40
CA PRO B 131 19.74 27.28 5.49
C PRO B 131 19.52 26.33 4.30
N VAL B 132 18.51 25.48 4.40
CA VAL B 132 18.25 24.44 3.37
C VAL B 132 16.76 24.09 3.40
N TYR B 133 16.23 23.71 2.23
CA TYR B 133 14.91 23.04 2.12
C TYR B 133 15.04 21.86 1.16
N PHE B 134 14.10 20.93 1.32
CA PHE B 134 14.02 19.61 0.66
C PHE B 134 12.65 19.38 0.03
N GLY B 135 12.66 18.58 -1.05
CA GLY B 135 11.47 18.12 -1.76
C GLY B 135 11.86 17.41 -3.05
N CYS B 136 10.91 17.34 -3.98
CA CYS B 136 11.08 16.79 -5.33
C CYS B 136 11.62 17.92 -6.20
N LYS B 137 12.87 17.84 -6.65
CA LYS B 137 13.57 18.98 -7.27
C LYS B 137 13.24 19.10 -8.77
N PHE B 138 12.81 20.27 -9.23
CA PHE B 138 12.57 20.59 -10.67
C PHE B 138 13.56 21.66 -11.16
N LYS B 139 13.87 21.61 -12.44
CA LYS B 139 14.97 22.32 -13.16
C LYS B 139 14.57 23.74 -13.56
N PRO B 140 13.35 23.97 -14.11
CA PRO B 140 13.04 25.25 -14.73
C PRO B 140 12.86 26.38 -13.72
N TYR B 141 13.10 27.62 -14.19
CA TYR B 141 12.76 28.93 -13.55
C TYR B 141 13.74 29.25 -12.41
N VAL B 142 14.43 28.27 -11.81
CA VAL B 142 15.39 28.54 -10.71
C VAL B 142 16.67 27.75 -10.98
N LYS B 143 17.80 28.44 -11.04
CA LYS B 143 19.11 27.82 -11.33
C LYS B 143 19.30 26.58 -10.42
N GLN B 144 19.24 26.73 -9.10
CA GLN B 144 19.52 25.61 -8.16
C GLN B 144 18.31 24.67 -8.05
N GLY B 145 17.25 24.91 -8.80
CA GLY B 145 16.03 24.08 -8.74
C GLY B 145 15.03 24.62 -7.74
N TYR B 146 13.77 24.19 -7.90
CA TYR B 146 12.68 24.42 -6.92
C TYR B 146 12.05 23.07 -6.60
N MET B 147 11.23 23.02 -5.57
CA MET B 147 10.57 21.80 -5.05
C MET B 147 9.07 21.81 -5.42
N SER B 148 8.59 20.68 -5.94
CA SER B 148 7.15 20.43 -6.19
C SER B 148 6.31 20.84 -4.96
N GLY B 149 5.33 21.70 -5.16
CA GLY B 149 4.40 22.12 -4.10
C GLY B 149 3.54 20.95 -3.65
N GLY B 150 3.20 20.04 -4.58
CA GLY B 150 2.29 18.93 -4.29
C GLY B 150 2.98 17.85 -3.48
N ALA B 151 4.22 17.53 -3.87
CA ALA B 151 5.07 16.50 -3.23
C ALA B 151 5.35 16.95 -1.79
N GLY B 152 5.19 18.23 -1.50
CA GLY B 152 5.55 18.83 -0.19
C GLY B 152 7.02 19.21 -0.17
N TYR B 153 7.34 20.33 0.45
CA TYR B 153 8.76 20.72 0.65
C TYR B 153 8.89 21.19 2.11
N VAL B 154 10.07 21.00 2.69
CA VAL B 154 10.30 21.25 4.15
C VAL B 154 11.51 22.19 4.29
N LEU B 155 11.33 23.28 5.05
CA LEU B 155 12.35 24.33 5.30
C LEU B 155 12.93 24.17 6.69
N SER B 156 14.23 24.43 6.83
CA SER B 156 14.91 24.56 8.16
C SER B 156 14.34 25.79 8.88
N ARG B 157 14.44 25.82 10.20
CA ARG B 157 14.18 27.06 10.97
C ARG B 157 14.93 28.22 10.30
N GLU B 158 16.19 28.02 9.90
CA GLU B 158 17.04 29.13 9.41
C GLU B 158 16.48 29.54 8.05
N ALA B 159 16.03 28.59 7.25
CA ALA B 159 15.38 28.89 5.96
C ALA B 159 14.10 29.70 6.20
N VAL B 160 13.28 29.38 7.20
CA VAL B 160 12.03 30.18 7.46
C VAL B 160 12.41 31.59 7.91
N ARG B 161 13.40 31.74 8.81
CA ARG B 161 13.90 33.08 9.25
C ARG B 161 14.27 33.95 8.03
N ARG B 162 15.14 33.45 7.16
CA ARG B 162 15.65 34.22 5.99
C ARG B 162 14.49 34.58 5.08
N PHE B 163 13.57 33.64 4.90
CA PHE B 163 12.39 33.88 4.03
C PHE B 163 11.60 35.08 4.56
N VAL B 164 11.22 35.04 5.82
CA VAL B 164 10.32 36.06 6.42
C VAL B 164 11.11 37.34 6.68
N VAL B 165 12.34 37.23 7.16
CA VAL B 165 13.09 38.44 7.60
C VAL B 165 13.85 39.06 6.44
N GLU B 166 14.37 38.28 5.50
CA GLU B 166 15.29 38.81 4.45
C GLU B 166 14.61 38.89 3.08
N ALA B 167 13.80 37.90 2.67
CA ALA B 167 13.24 37.85 1.30
C ALA B 167 11.97 38.67 1.20
N LEU B 168 10.96 38.42 2.06
CA LEU B 168 9.61 39.04 1.95
C LEU B 168 9.73 40.57 1.92
N PRO B 169 10.50 41.24 2.81
CA PRO B 169 10.60 42.70 2.78
C PRO B 169 11.34 43.28 1.55
N ASN B 170 11.97 42.47 0.69
CA ASN B 170 12.69 42.97 -0.51
C ASN B 170 12.01 42.50 -1.81
N PRO B 171 11.18 43.39 -2.43
CA PRO B 171 10.48 43.08 -3.67
C PRO B 171 11.34 42.64 -4.86
N LYS B 172 12.62 42.98 -4.84
CA LYS B 172 13.57 42.61 -5.92
C LYS B 172 13.92 41.13 -5.79
N LEU B 173 13.91 40.60 -4.56
CA LEU B 173 14.32 39.22 -4.24
C LEU B 173 13.09 38.30 -4.26
N CYS B 174 11.90 38.82 -3.98
CA CYS B 174 10.71 38.02 -3.63
C CYS B 174 9.43 38.66 -4.18
N LYS B 175 8.72 37.97 -5.05
CA LYS B 175 7.54 38.47 -5.81
C LYS B 175 6.43 38.92 -4.84
N SER B 176 6.07 40.21 -4.91
CA SER B 176 5.16 40.90 -3.97
C SER B 176 3.67 40.69 -4.33
N ASP B 177 3.32 40.43 -5.59
CA ASP B 177 1.91 40.09 -5.93
C ASP B 177 1.63 38.69 -5.40
N ASN B 178 0.35 38.35 -5.23
CA ASN B 178 -0.06 37.05 -4.63
C ASN B 178 -0.32 35.99 -5.72
N SER B 179 -0.08 36.31 -7.00
CA SER B 179 -0.25 35.42 -8.18
C SER B 179 1.04 34.64 -8.45
N GLY B 180 0.97 33.58 -9.25
CA GLY B 180 2.10 32.72 -9.66
C GLY B 180 2.05 31.35 -9.03
N ALA B 181 2.85 30.43 -9.59
CA ALA B 181 3.17 29.09 -9.04
C ALA B 181 3.88 29.25 -7.69
N GLU B 182 3.13 29.01 -6.63
CA GLU B 182 3.56 29.01 -5.21
C GLU B 182 4.98 28.43 -5.04
N ASP B 183 5.24 27.24 -5.62
CA ASP B 183 6.50 26.45 -5.43
C ASP B 183 7.67 27.09 -6.23
N VAL B 184 7.42 27.64 -7.42
CA VAL B 184 8.44 28.37 -8.21
C VAL B 184 8.87 29.65 -7.47
N GLU B 185 7.88 30.40 -6.96
CA GLU B 185 8.11 31.69 -6.29
C GLU B 185 8.93 31.49 -5.02
N ILE B 186 8.56 30.52 -4.17
CA ILE B 186 9.34 30.30 -2.92
C ILE B 186 10.74 29.83 -3.31
N GLY B 187 10.85 29.06 -4.39
CA GLY B 187 12.13 28.58 -4.91
C GLY B 187 13.04 29.75 -5.23
N LYS B 188 12.48 30.78 -5.86
CA LYS B 188 13.22 32.03 -6.21
C LYS B 188 13.59 32.83 -4.95
N CYS B 189 12.62 33.16 -4.08
CA CYS B 189 12.90 33.87 -2.78
C CYS B 189 14.04 33.14 -2.03
N LEU B 190 13.99 31.82 -1.93
CA LEU B 190 14.96 31.05 -1.11
C LEU B 190 16.33 31.06 -1.82
N GLN B 191 16.40 30.83 -3.13
CA GLN B 191 17.70 30.99 -3.82
C GLN B 191 18.26 32.40 -3.55
N ASN B 192 17.41 33.43 -3.60
CA ASN B 192 17.85 34.83 -3.44
C ASN B 192 18.37 35.12 -2.03
N VAL B 193 18.10 34.32 -1.00
CA VAL B 193 18.63 34.58 0.37
C VAL B 193 19.56 33.44 0.79
N ASN B 194 20.21 32.78 -0.18
CA ASN B 194 21.28 31.77 0.06
C ASN B 194 20.74 30.55 0.84
N VAL B 195 19.45 30.22 0.72
CA VAL B 195 18.93 28.91 1.17
C VAL B 195 19.25 27.87 0.08
N LEU B 196 19.87 26.78 0.48
CA LEU B 196 20.26 25.67 -0.40
C LEU B 196 19.05 24.77 -0.68
N ALA B 197 18.94 24.37 -1.95
CA ALA B 197 18.04 23.31 -2.43
C ALA B 197 18.76 21.99 -2.15
N GLY B 198 18.43 21.38 -1.01
CA GLY B 198 18.89 20.04 -0.62
C GLY B 198 18.65 18.98 -1.69
N ASP B 199 19.25 17.80 -1.50
CA ASP B 199 19.04 16.58 -2.32
C ASP B 199 18.35 15.54 -1.43
N SER B 200 17.10 15.16 -1.75
CA SER B 200 16.22 14.39 -0.86
C SER B 200 16.26 12.91 -1.25
N ARG B 201 17.02 12.55 -2.28
CA ARG B 201 17.16 11.15 -2.75
C ARG B 201 17.85 10.32 -1.67
N ASP B 202 17.61 9.02 -1.64
CA ASP B 202 18.30 8.14 -0.67
C ASP B 202 19.70 7.81 -1.22
N SER B 203 20.52 7.17 -0.38
CA SER B 203 21.94 6.86 -0.62
C SER B 203 22.08 5.92 -1.82
N ASN B 204 21.03 5.22 -2.25
CA ASN B 204 21.00 4.45 -3.52
C ASN B 204 20.50 5.32 -4.69
N GLY B 205 20.18 6.59 -4.48
CA GLY B 205 19.70 7.48 -5.56
C GLY B 205 18.22 7.33 -5.89
N ARG B 206 17.45 6.64 -5.07
CA ARG B 206 16.00 6.52 -5.29
C ARG B 206 15.32 7.76 -4.69
N GLY B 207 14.21 8.21 -5.28
CA GLY B 207 13.48 9.42 -4.84
C GLY B 207 12.70 9.13 -3.56
N ARG B 208 12.38 10.16 -2.78
CA ARG B 208 11.63 10.07 -1.51
C ARG B 208 10.39 10.96 -1.57
N PHE B 209 10.42 12.03 -2.36
CA PHE B 209 9.31 12.97 -2.53
C PHE B 209 8.76 12.84 -3.93
N PHE B 210 7.45 12.64 -4.07
CA PHE B 210 6.79 12.26 -5.33
C PHE B 210 5.56 13.12 -5.52
N PRO B 211 5.42 13.73 -6.72
CA PRO B 211 4.27 14.57 -7.05
C PRO B 211 3.02 13.80 -7.50
N PHE B 212 3.15 12.50 -7.76
CA PHE B 212 2.01 11.66 -8.20
C PHE B 212 1.82 10.51 -7.23
N VAL B 213 0.78 9.71 -7.50
CA VAL B 213 0.50 8.50 -6.70
C VAL B 213 1.59 7.47 -7.02
N PRO B 214 1.79 6.48 -6.14
CA PRO B 214 2.82 5.47 -6.34
C PRO B 214 2.80 4.75 -7.70
N GLU B 215 1.62 4.36 -8.15
CA GLU B 215 1.41 3.66 -9.45
C GLU B 215 2.09 4.43 -10.59
N HIS B 216 2.00 5.76 -10.58
CA HIS B 216 2.41 6.60 -11.73
C HIS B 216 3.94 6.66 -11.79
N HIS B 217 4.63 6.39 -10.69
CA HIS B 217 6.12 6.34 -10.59
C HIS B 217 6.64 4.91 -10.79
N LEU B 218 5.91 3.93 -10.26
CA LEU B 218 6.26 2.49 -10.39
C LEU B 218 6.05 2.04 -11.84
N ILE B 219 4.96 2.47 -12.45
CA ILE B 219 4.56 2.15 -13.85
C ILE B 219 4.41 3.47 -14.60
N PRO B 220 5.51 4.13 -15.03
CA PRO B 220 5.37 5.36 -15.82
C PRO B 220 4.70 5.01 -17.16
N SER B 221 3.50 5.52 -17.38
CA SER B 221 2.67 5.25 -18.60
C SER B 221 3.14 6.18 -19.73
N HIS B 222 3.14 7.49 -19.48
CA HIS B 222 3.76 8.54 -20.33
C HIS B 222 5.24 8.21 -20.52
N THR B 223 5.68 8.10 -21.77
CA THR B 223 7.00 7.55 -22.17
C THR B 223 7.85 8.65 -22.85
N ASP B 224 8.60 9.41 -22.05
CA ASP B 224 9.58 10.49 -22.42
C ASP B 224 9.14 11.30 -23.65
N LYS B 225 7.83 11.50 -23.84
CA LYS B 225 7.20 11.95 -25.12
C LYS B 225 6.95 13.47 -25.04
N LYS B 226 7.90 14.23 -24.49
CA LYS B 226 7.78 15.70 -24.25
C LYS B 226 6.87 15.98 -23.04
N PHE B 227 6.44 14.95 -22.30
CA PHE B 227 5.61 15.13 -21.08
C PHE B 227 6.42 15.96 -20.08
N TRP B 228 5.76 16.91 -19.42
CA TRP B 228 6.44 17.99 -18.65
C TRP B 228 7.37 17.37 -17.60
N TYR B 229 6.94 16.30 -16.95
CA TYR B 229 7.68 15.70 -15.80
C TYR B 229 9.13 15.35 -16.19
N TRP B 230 9.33 14.74 -17.37
CA TRP B 230 10.67 14.25 -17.82
C TRP B 230 11.57 15.44 -18.12
N GLN B 231 10.97 16.58 -18.47
CA GLN B 231 11.68 17.86 -18.76
C GLN B 231 11.95 18.63 -17.47
N TYR B 232 11.06 18.58 -16.49
CA TYR B 232 11.23 19.33 -15.22
C TYR B 232 12.21 18.64 -14.28
N ILE B 233 12.27 17.31 -14.22
CA ILE B 233 13.01 16.60 -13.14
C ILE B 233 14.48 17.05 -13.19
N PHE B 234 15.05 17.41 -12.03
CA PHE B 234 16.42 17.96 -11.90
C PHE B 234 17.44 16.83 -12.06
N TYR B 235 17.26 15.72 -11.34
CA TYR B 235 18.09 14.49 -11.42
C TYR B 235 17.40 13.51 -12.37
N LYS B 236 18.11 13.12 -13.44
CA LYS B 236 17.56 12.27 -14.52
C LYS B 236 17.29 10.87 -13.93
N THR B 237 16.11 10.32 -14.21
CA THR B 237 15.75 8.92 -13.87
C THR B 237 14.65 8.45 -14.85
N ASP B 238 14.66 7.16 -15.19
CA ASP B 238 13.57 6.52 -15.96
C ASP B 238 12.43 6.11 -15.00
N GLU B 239 12.66 6.08 -13.69
CA GLU B 239 11.66 5.58 -12.70
C GLU B 239 11.33 4.12 -13.06
N GLY B 240 10.08 3.67 -12.89
CA GLY B 240 9.75 2.23 -12.92
C GLY B 240 9.86 1.62 -11.55
N LEU B 241 9.95 0.30 -11.48
CA LEU B 241 9.82 -0.50 -10.22
C LEU B 241 10.95 -0.14 -9.26
N ASP B 242 12.01 0.51 -9.79
CA ASP B 242 13.24 0.99 -9.13
C ASP B 242 13.07 2.40 -8.53
N CYS B 243 12.00 3.13 -8.86
CA CYS B 243 11.86 4.60 -8.66
C CYS B 243 12.11 5.01 -7.22
N CYS B 244 11.64 4.19 -6.28
CA CYS B 244 11.05 4.69 -5.00
C CYS B 244 11.81 4.09 -3.81
N SER B 245 12.25 4.94 -2.89
CA SER B 245 12.96 4.51 -1.66
C SER B 245 12.07 3.62 -0.79
N ASP B 246 12.67 2.68 -0.08
CA ASP B 246 12.07 1.97 1.08
C ASP B 246 11.76 2.99 2.20
N ASN B 247 12.43 4.17 2.19
CA ASN B 247 12.09 5.27 3.13
C ASN B 247 11.54 6.48 2.36
N ALA B 248 10.72 6.29 1.34
CA ALA B 248 10.01 7.39 0.66
C ALA B 248 9.18 8.19 1.68
N ILE B 249 9.00 9.47 1.39
CA ILE B 249 8.49 10.48 2.35
C ILE B 249 7.09 10.92 1.92
N SER B 250 6.82 11.08 0.63
CA SER B 250 5.54 11.71 0.23
C SER B 250 5.07 11.27 -1.14
N PHE B 251 3.76 11.23 -1.31
CA PHE B 251 3.04 11.06 -2.60
C PHE B 251 1.96 12.13 -2.65
N HIS B 252 1.43 12.38 -3.85
CA HIS B 252 0.49 13.50 -4.08
C HIS B 252 -0.55 13.10 -5.12
N TYR B 253 -1.64 13.86 -5.21
CA TYR B 253 -2.89 13.48 -5.91
C TYR B 253 -3.44 12.20 -5.26
N VAL B 254 -3.27 12.08 -3.95
CA VAL B 254 -3.84 11.02 -3.08
C VAL B 254 -5.23 11.49 -2.66
N SER B 255 -6.24 10.70 -2.98
CA SER B 255 -7.66 10.95 -2.65
C SER B 255 -7.84 10.76 -1.15
N PRO B 256 -8.86 11.42 -0.56
CA PRO B 256 -9.18 11.23 0.86
C PRO B 256 -9.25 9.75 1.28
N ASN B 257 -9.96 8.90 0.52
CA ASN B 257 -10.02 7.44 0.79
C ASN B 257 -8.63 6.81 0.77
N GLN B 258 -7.80 7.20 -0.19
CA GLN B 258 -6.48 6.57 -0.41
C GLN B 258 -5.55 6.96 0.76
N MET B 259 -5.79 8.07 1.45
CA MET B 259 -5.02 8.42 2.67
C MET B 259 -5.10 7.24 3.67
N TYR B 260 -6.32 6.70 3.87
CA TYR B 260 -6.56 5.61 4.86
C TYR B 260 -5.96 4.30 4.34
N VAL B 261 -5.96 4.08 3.03
CA VAL B 261 -5.40 2.82 2.45
C VAL B 261 -3.89 2.84 2.61
N LEU B 262 -3.23 3.95 2.26
CA LEU B 262 -1.76 4.07 2.42
C LEU B 262 -1.43 3.84 3.90
N ASP B 263 -2.19 4.45 4.80
CA ASP B 263 -1.98 4.30 6.25
C ASP B 263 -2.00 2.81 6.59
N TYR B 264 -3.02 2.10 6.12
CA TYR B 264 -3.19 0.65 6.41
C TYR B 264 -2.01 -0.15 5.84
N LEU B 265 -1.68 0.04 4.57
CA LEU B 265 -0.67 -0.83 3.89
C LEU B 265 0.74 -0.49 4.39
N ILE B 266 0.97 0.73 4.86
CA ILE B 266 2.35 1.17 5.27
C ILE B 266 2.58 0.88 6.76
N TYR B 267 1.60 1.15 7.59
CA TYR B 267 1.74 1.12 9.07
C TYR B 267 1.24 -0.22 9.63
N HIS B 268 0.28 -0.90 9.00
CA HIS B 268 -0.45 -2.05 9.60
C HIS B 268 -0.08 -3.35 8.91
N LEU B 269 -0.33 -3.48 7.64
CA LEU B 269 -0.15 -4.76 6.90
C LEU B 269 1.35 -5.02 6.78
N ARG B 270 1.78 -6.22 7.16
CA ARG B 270 3.20 -6.65 7.01
C ARG B 270 3.21 -8.13 6.67
N PRO B 271 4.26 -8.59 5.97
CA PRO B 271 4.48 -10.01 5.74
C PRO B 271 5.13 -10.60 7.00
N TYR B 272 4.45 -11.59 7.60
CA TYR B 272 4.94 -12.22 8.85
C TYR B 272 6.37 -12.70 8.66
N GLY B 273 7.24 -12.34 9.59
CA GLY B 273 8.60 -12.91 9.67
C GLY B 273 9.57 -12.17 8.80
N ILE B 274 9.17 -11.04 8.18
CA ILE B 274 10.13 -10.15 7.47
C ILE B 274 10.22 -8.87 8.28
N ILE B 275 11.31 -8.70 9.03
CA ILE B 275 11.45 -7.61 10.03
C ILE B 275 12.34 -6.54 9.40
N ASN B 276 11.76 -5.40 9.09
CA ASN B 276 12.52 -4.16 8.72
C ASN B 276 13.58 -3.92 9.81
N THR B 277 14.84 -3.90 9.42
CA THR B 277 15.98 -3.51 10.29
C THR B 277 16.38 -2.10 9.87
N PRO B 278 16.35 -1.11 10.78
CA PRO B 278 16.72 0.26 10.42
C PRO B 278 18.20 0.42 10.07
N ASP B 279 18.50 1.08 8.95
CA ASP B 279 19.86 1.62 8.66
C ASP B 279 20.26 2.56 9.81
N ALA B 280 21.54 2.50 10.20
CA ALA B 280 22.16 3.41 11.20
C ALA B 280 21.95 4.88 10.80
N LEU B 281 21.73 5.75 11.79
CA LEU B 281 21.60 7.20 11.60
C LEU B 281 22.98 7.77 11.28
N PRO B 282 23.14 8.60 10.23
CA PRO B 282 24.41 9.30 10.01
C PRO B 282 24.74 10.18 11.21
N ASN B 283 26.01 10.58 11.30
CA ASN B 283 26.49 11.53 12.33
C ASN B 283 25.98 12.94 11.98
N LYS B 284 25.63 13.70 13.02
CA LYS B 284 25.15 15.11 12.87
C LYS B 284 26.16 15.90 12.03
N LEU B 285 25.65 16.83 11.23
CA LEU B 285 26.47 17.71 10.37
C LEU B 285 26.64 19.07 11.06
N ALA B 286 27.73 19.77 10.76
CA ALA B 286 28.04 21.16 11.20
C ALA B 286 27.09 22.16 10.51
N VAL B 287 26.92 23.36 11.04
CA VAL B 287 26.07 24.38 10.38
C VAL B 287 26.58 24.65 8.96
N GLY B 288 25.70 24.57 7.96
CA GLY B 288 26.07 24.90 6.57
C GLY B 288 26.47 23.69 5.79
N GLU B 289 26.42 22.53 6.42
CA GLU B 289 26.94 21.32 5.74
C GLU B 289 25.80 20.40 5.29
N LEU B 290 25.93 19.86 4.09
CA LEU B 290 24.96 18.89 3.56
C LEU B 290 25.63 17.50 3.52
N MET B 291 24.85 16.44 3.31
CA MET B 291 25.38 15.05 3.19
C MET B 291 26.25 14.97 1.94
N PRO B 292 27.19 14.01 1.81
CA PRO B 292 27.90 13.78 0.55
C PRO B 292 26.89 13.60 -0.60
N GLU B 293 27.11 14.24 -1.76
CA GLU B 293 26.22 14.15 -2.95
C GLU B 293 26.15 12.69 -3.43
N ILE B 294 25.00 12.27 -3.98
CA ILE B 294 24.76 10.88 -4.47
C ILE B 294 25.59 10.66 -5.73
C ALA C 1 2.95 28.57 -16.10
N PRO C 2 2.93 27.49 -16.90
CA PRO C 2 1.77 26.59 -17.01
C PRO C 2 1.60 25.76 -15.86
N ASP C 3 0.43 25.09 -15.80
CA ASP C 3 0.16 24.13 -14.73
C ASP C 3 0.75 22.80 -15.26
N THR C 4 1.00 21.94 -14.33
CA THR C 4 1.70 20.70 -14.62
C THR C 4 1.04 19.71 -13.74
N ARG C 5 0.16 18.98 -14.44
CA ARG C 5 -0.67 17.97 -13.78
C ARG C 5 -0.40 16.54 -14.34
O LPD C 6 -0.29 12.58 -15.55
C LPD C 6 -0.91 13.58 -15.15
N2 LPD C 6 -1.73 14.27 -15.92
CA LPD C 6 -0.79 14.04 -13.83
N LPD C 6 -0.96 15.53 -13.63
CD LPD C 6 -1.71 15.60 -12.40
CG LPD C 6 -2.77 14.64 -12.71
CB LPD C 6 -1.87 13.43 -12.91
C ALA D 1 -26.53 -18.10 -8.58
N PRO D 2 -26.97 -17.13 -7.81
CA PRO D 2 -26.71 -15.71 -8.31
C PRO D 2 -25.35 -15.36 -8.64
N ASP D 3 -25.31 -14.39 -9.61
CA ASP D 3 -24.14 -13.74 -10.14
C ASP D 3 -23.78 -12.63 -9.18
N THR D 4 -22.65 -12.79 -8.45
CA THR D 4 -22.16 -11.84 -7.48
C THR D 4 -20.89 -11.14 -8.02
N ARG D 5 -20.77 -11.12 -9.36
CA ARG D 5 -19.72 -10.32 -9.92
C ARG D 5 -20.22 -8.93 -9.89
O LPD D 6 -21.75 -5.78 -11.30
C LPD D 6 -20.74 -6.47 -11.28
N2 LPD D 6 -20.61 -7.36 -12.24
CA LPD D 6 -19.81 -6.51 -10.16
N LPD D 6 -19.31 -7.94 -9.96
CD LPD D 6 -17.85 -7.91 -10.02
CG LPD D 6 -17.58 -6.69 -10.96
CB LPD D 6 -18.60 -5.69 -10.42
N1 UDP E . -11.77 -16.95 -16.56
C2 UDP E . -11.54 -17.91 -17.57
N3 UDP E . -12.27 -17.92 -18.70
C4 UDP E . -13.25 -17.02 -18.89
C5 UDP E . -13.51 -16.06 -17.94
C6 UDP E . -12.75 -16.05 -16.76
O2 UDP E . -10.66 -18.77 -17.40
O4 UDP E . -13.94 -17.04 -19.94
C1' UDP E . -10.99 -16.96 -15.31
C2' UDP E . -10.18 -15.72 -14.99
O2' UDP E . -8.88 -15.78 -15.60
C3' UDP E . -10.26 -15.67 -13.45
C4' UDP E . -11.57 -16.33 -13.07
O4' UDP E . -11.94 -17.04 -14.24
O3' UDP E . -9.23 -16.38 -12.75
C5' UDP E . -12.70 -15.36 -12.65
O5' UDP E . -12.89 -14.28 -13.60
PA UDP E . -12.58 -12.76 -13.29
O1A UDP E . -11.45 -12.64 -12.29
O2A UDP E . -12.51 -12.06 -14.63
O3A UDP E . -14.04 -12.36 -12.67
PB UDP E . -14.60 -12.55 -11.16
O1B UDP E . -15.19 -13.90 -11.36
O2B UDP E . -13.51 -12.50 -10.11
O3B UDP E . -15.65 -11.49 -10.90
C1 EDO F . -6.03 -42.91 -1.58
O1 EDO F . -6.35 -44.05 -0.74
C2 EDO F . -5.53 -43.21 -2.98
O2 EDO F . -5.94 -44.42 -3.66
MN MN G . -11.39 -12.49 -10.20
N1 UDP H . -6.23 25.45 -3.12
C2 UDP H . -6.80 26.60 -2.48
N3 UDP H . -7.71 27.37 -3.11
C4 UDP H . -8.08 27.13 -4.37
C5 UDP H . -7.49 26.03 -5.03
C6 UDP H . -6.58 25.20 -4.39
O2 UDP H . -6.51 26.87 -1.30
O4 UDP H . -8.92 27.88 -4.96
C1' UDP H . -5.24 24.59 -2.42
C2' UDP H . -5.56 23.10 -2.37
O2' UDP H . -6.36 22.80 -1.26
C3' UDP H . -4.16 22.49 -2.32
C4' UDP H . -3.36 23.43 -3.23
O4' UDP H . -4.02 24.66 -3.13
O3' UDP H . -3.55 22.47 -1.03
C5' UDP H . -3.39 23.15 -4.74
O5' UDP H . -4.65 22.58 -5.11
PA UDP H . -4.87 21.12 -5.76
O1A UDP H . -4.26 20.06 -4.89
O2A UDP H . -6.29 21.09 -6.12
O3A UDP H . -4.12 21.15 -7.16
PB UDP H . -2.63 20.76 -7.63
O1B UDP H . -2.01 19.73 -6.68
O2B UDP H . -2.02 22.12 -7.61
O3B UDP H . -2.88 20.18 -8.97
C1 EDO I . 4.23 -2.43 5.50
O1 EDO I . 4.70 -1.69 4.48
C2 EDO I . 5.21 -2.57 6.58
O2 EDO I . 4.77 -3.56 7.51
MN MN J . -2.37 19.04 -4.82
O5 A2G K . 5.08 22.96 -12.75
C1 A2G K . 4.38 21.78 -12.35
C2 A2G K . 4.14 21.78 -10.86
N2 A2G K . 3.37 20.60 -10.50
C3 A2G K . 3.33 23.05 -10.53
O3 A2G K . 3.13 23.07 -9.07
C4 A2G K . 4.14 24.28 -11.00
O4 A2G K . 5.49 24.43 -10.30
C5 A2G K . 4.34 24.14 -12.50
C6 A2G K . 5.13 25.35 -13.11
O6 A2G K . 5.36 25.14 -14.52
C7 A2G K . 3.78 19.74 -9.57
O7 A2G K . 4.82 19.87 -8.94
C8 A2G K . 2.78 18.64 -9.24
C1 EDO L . -15.00 -8.03 -14.09
O1 EDO L . -14.74 -7.41 -15.34
C2 EDO L . -15.54 -9.44 -14.21
O2 EDO L . -16.23 -9.78 -13.03
O5 A2G M . -21.51 -15.52 -5.10
C1 A2G M . -20.56 -14.44 -5.22
C2 A2G M . -19.16 -15.00 -5.47
N2 A2G M . -18.24 -13.91 -5.68
C3 A2G M . -19.22 -15.90 -6.74
O3 A2G M . -17.97 -16.45 -7.03
C4 A2G M . -20.25 -17.06 -6.51
O4 A2G M . -19.76 -17.84 -5.38
C5 A2G M . -21.58 -16.40 -6.24
C6 A2G M . -22.72 -17.43 -6.00
O6 A2G M . -23.90 -16.71 -5.60
C7 A2G M . -17.14 -13.71 -4.92
O7 A2G M . -16.80 -14.45 -3.96
C8 A2G M . -16.27 -12.49 -5.37
#